data_3U1S
#
_entry.id   3U1S
#
_cell.length_a   118.730
_cell.length_b   118.730
_cell.length_c   101.184
_cell.angle_alpha   90.00
_cell.angle_beta   90.00
_cell.angle_gamma   90.00
#
_symmetry.space_group_name_H-M   'P 41 21 2'
#
loop_
_entity.id
_entity.type
_entity.pdbx_description
1 polymer 'Fab PGT145 Light chain'
2 polymer 'Fab PGT145 Heavy chain'
3 non-polymer 'SULFATE ION'
4 non-polymer GLYCEROL
5 water water
#
loop_
_entity_poly.entity_id
_entity_poly.type
_entity_poly.pdbx_seq_one_letter_code
_entity_poly.pdbx_strand_id
1 'polypeptide(L)'
;MRLPAQLLGLLMLWVSGSGAEVVITQSPLFLPVTPGEAASLSCKCSHSLQHSTGANYLAWYLQRPGQTPRLLIHLATHRA
SGVPDRFSGSGSGTDFTLKISRVESDDVGTYYCMQGLHSPWTFGQGTKVEIKRTVAAPSVFIFPPSDEQLKSGTASVVCL
LNNFYPREAKVQWKVDNALQSGNSQESVTEQDSKDSTYSLSSTLTLSKADYEKHKVYACEVTHQGLSSPVTKSFNRGEC
;
L
2 'polypeptide(L)'
;QASTMDWIWRILFLVAAATSAHSQVQLVQSGAEVKKPGSSVKVSCKASGNSFSNHDVHWVRQATGQGLEWMGWMSHEGDK
TGLAQKFQGRVTITRDSGASTVYMELRGLTADDTAIYYCLTGSKHRLRDYFL(TYS)NE(TYS)GPNYEEWGDYLATLDV
WGHGTAVTVSSASTKGPSVFPLAPSSKSTSGGTAALGCLVKDYFPEPVTVSWNSGALTSGVHTFPAVLQSSGLYSLSSVV
TVPSSSLGTQTYICNVNHKPSNTKVDKKVEPKSCD
;
H
#
loop_
_chem_comp.id
_chem_comp.type
_chem_comp.name
_chem_comp.formula
GOL non-polymer GLYCEROL 'C3 H8 O3'
SO4 non-polymer 'SULFATE ION' 'O4 S -2'
#
# COMPACT_ATOMS: atom_id res chain seq x y z
N VAL A 22 -22.66 3.57 -14.16
CA VAL A 22 -21.79 2.36 -14.44
C VAL A 22 -21.04 1.93 -13.19
N VAL A 23 -21.45 0.80 -12.61
CA VAL A 23 -20.81 0.35 -11.36
C VAL A 23 -20.23 -1.06 -11.49
N ILE A 24 -19.12 -1.26 -10.78
CA ILE A 24 -18.45 -2.53 -10.73
C ILE A 24 -18.46 -3.03 -9.29
N THR A 25 -18.83 -4.29 -9.12
CA THR A 25 -18.72 -4.92 -7.81
C THR A 25 -17.84 -6.16 -7.91
N GLN A 26 -16.78 -6.17 -7.13
CA GLN A 26 -15.92 -7.33 -7.03
C GLN A 26 -16.28 -8.12 -5.80
N SER A 27 -16.13 -9.44 -5.90
CA SER A 27 -16.53 -10.36 -4.87
C SER A 27 -15.64 -11.61 -4.96
N PRO A 28 -15.20 -12.15 -3.81
CA PRO A 28 -15.40 -11.61 -2.45
C PRO A 28 -14.47 -10.44 -2.20
N LEU A 29 -14.63 -9.77 -1.07
CA LEU A 29 -13.72 -8.69 -0.69
C LEU A 29 -12.38 -9.22 -0.19
N PHE A 30 -12.45 -10.35 0.50
CA PHE A 30 -11.28 -10.94 1.14
C PHE A 30 -11.33 -12.45 0.91
N LEU A 31 -10.25 -13.00 0.37
CA LEU A 31 -10.23 -14.43 0.07
C LEU A 31 -8.95 -15.15 0.54
N PRO A 32 -9.06 -15.88 1.67
CA PRO A 32 -8.00 -16.77 2.13
C PRO A 32 -7.99 -18.05 1.31
N VAL A 33 -6.82 -18.43 0.80
CA VAL A 33 -6.73 -19.65 -0.03
C VAL A 33 -5.66 -20.59 0.50
N THR A 34 -6.03 -21.84 0.74
CA THR A 34 -5.08 -22.90 1.09
C THR A 34 -4.09 -23.11 -0.05
N PRO A 35 -2.77 -23.09 0.26
CA PRO A 35 -1.76 -23.25 -0.79
C PRO A 35 -2.04 -24.47 -1.66
N GLY A 36 -2.02 -24.28 -2.98
CA GLY A 36 -2.27 -25.36 -3.94
C GLY A 36 -3.73 -25.52 -4.35
N GLU A 37 -4.64 -24.91 -3.60
CA GLU A 37 -6.07 -24.92 -3.94
C GLU A 37 -6.39 -23.86 -5.00
N ALA A 38 -7.56 -23.98 -5.61
CA ALA A 38 -7.99 -23.04 -6.63
C ALA A 38 -8.69 -21.82 -6.01
N ALA A 39 -8.66 -20.69 -6.72
CA ALA A 39 -9.37 -19.49 -6.31
C ALA A 39 -10.24 -18.97 -7.45
N SER A 40 -11.38 -18.40 -7.09
CA SER A 40 -12.34 -17.88 -8.07
C SER A 40 -12.83 -16.48 -7.69
N LEU A 41 -12.54 -15.50 -8.52
CA LEU A 41 -12.88 -14.11 -8.24
C LEU A 41 -13.97 -13.61 -9.20
N SER A 42 -14.93 -12.87 -8.67
CA SER A 42 -16.03 -12.36 -9.47
C SER A 42 -15.91 -10.86 -9.69
N CYS A 43 -16.18 -10.42 -10.91
CA CYS A 43 -16.28 -8.99 -11.22
C CYS A 43 -17.56 -8.80 -12.03
N LYS A 44 -18.50 -8.06 -11.47
CA LYS A 44 -19.79 -7.87 -12.13
C LYS A 44 -20.04 -6.40 -12.40
N CYS A 45 -20.58 -6.12 -13.58
CA CYS A 45 -20.85 -4.75 -13.95
C CYS A 45 -22.34 -4.53 -14.17
N SER A 46 -22.84 -3.34 -13.77
CA SER A 46 -24.24 -2.95 -13.98
C SER A 46 -24.61 -2.83 -15.47
N HIS A 47 -23.61 -2.63 -16.31
CA HIS A 47 -23.81 -2.54 -17.76
C HIS A 47 -22.89 -3.50 -18.47
N SER A 48 -23.34 -3.99 -19.63
CA SER A 48 -22.53 -4.86 -20.44
C SER A 48 -21.21 -4.21 -20.85
N LEU A 49 -20.16 -5.01 -20.92
CA LEU A 49 -18.84 -4.55 -21.33
C LEU A 49 -18.46 -5.06 -22.71
N GLN A 50 -19.46 -5.61 -23.41
CA GLN A 50 -19.26 -6.13 -24.75
C GLN A 50 -19.52 -5.05 -25.80
N HIS A 51 -18.51 -4.76 -26.61
CA HIS A 51 -18.65 -3.84 -27.73
C HIS A 51 -19.47 -4.55 -28.81
N SER A 52 -20.04 -3.81 -29.74
CA SER A 52 -20.80 -4.43 -30.84
C SER A 52 -19.93 -5.31 -31.76
N THR A 53 -18.61 -5.06 -31.80
CA THR A 53 -17.67 -5.91 -32.55
C THR A 53 -17.44 -7.27 -31.89
N GLY A 54 -17.85 -7.40 -30.63
CA GLY A 54 -17.84 -8.70 -29.96
C GLY A 54 -16.88 -8.81 -28.78
N ALA A 55 -15.90 -7.91 -28.72
CA ALA A 55 -14.89 -7.95 -27.68
C ALA A 55 -15.43 -7.41 -26.33
N ASN A 56 -14.98 -8.04 -25.25
CA ASN A 56 -15.32 -7.59 -23.91
C ASN A 56 -14.15 -6.86 -23.28
N TYR A 57 -14.33 -5.57 -23.03
CA TYR A 57 -13.26 -4.73 -22.52
C TYR A 57 -13.23 -4.76 -20.99
N LEU A 58 -12.72 -5.89 -20.49
CA LEU A 58 -12.52 -6.10 -19.08
C LEU A 58 -11.15 -6.71 -18.83
N ALA A 59 -10.39 -6.11 -17.92
CA ALA A 59 -9.04 -6.58 -17.60
C ALA A 59 -8.87 -6.92 -16.11
N TRP A 60 -7.96 -7.84 -15.82
CA TRP A 60 -7.59 -8.15 -14.44
C TRP A 60 -6.13 -7.79 -14.15
N TYR A 61 -5.92 -7.21 -12.97
CA TYR A 61 -4.60 -6.77 -12.53
C TYR A 61 -4.32 -7.34 -11.14
N LEU A 62 -3.08 -7.81 -10.94
CA LEU A 62 -2.61 -8.15 -9.60
C LEU A 62 -1.65 -7.10 -9.10
N GLN A 63 -1.90 -6.62 -7.89
CA GLN A 63 -0.93 -5.78 -7.23
C GLN A 63 -0.42 -6.44 -5.94
N ARG A 64 0.85 -6.82 -5.95
CA ARG A 64 1.52 -7.36 -4.77
C ARG A 64 1.94 -6.20 -3.86
N PRO A 65 2.16 -6.50 -2.56
CA PRO A 65 2.61 -5.46 -1.64
C PRO A 65 3.92 -4.84 -2.10
N GLY A 66 3.98 -3.51 -2.13
CA GLY A 66 5.19 -2.80 -2.53
C GLY A 66 5.41 -2.65 -4.02
N GLN A 67 4.50 -3.18 -4.84
CA GLN A 67 4.70 -3.19 -6.30
C GLN A 67 3.62 -2.42 -7.05
N THR A 68 3.94 -2.01 -8.27
CA THR A 68 2.91 -1.53 -9.19
C THR A 68 2.11 -2.72 -9.74
N PRO A 69 0.84 -2.49 -10.12
CA PRO A 69 0.01 -3.58 -10.64
C PRO A 69 0.57 -4.28 -11.89
N ARG A 70 0.36 -5.60 -11.95
CA ARG A 70 0.71 -6.41 -13.12
C ARG A 70 -0.57 -6.85 -13.82
N LEU A 71 -0.63 -6.58 -15.14
CA LEU A 71 -1.73 -7.07 -15.99
C LEU A 71 -1.73 -8.59 -16.05
N LEU A 72 -2.89 -9.20 -15.81
CA LEU A 72 -3.01 -10.66 -15.86
C LEU A 72 -3.77 -11.10 -17.09
N ILE A 73 -4.92 -10.46 -17.30
CA ILE A 73 -5.90 -10.85 -18.30
C ILE A 73 -6.39 -9.57 -18.96
N HIS A 74 -6.50 -9.58 -20.29
CA HIS A 74 -7.07 -8.46 -21.03
C HIS A 74 -8.15 -8.96 -22.01
N LEU A 75 -9.04 -8.07 -22.40
CA LEU A 75 -10.19 -8.43 -23.24
C LEU A 75 -10.93 -9.65 -22.68
N ALA A 76 -11.02 -9.70 -21.34
CA ALA A 76 -11.77 -10.71 -20.59
C ALA A 76 -11.18 -12.13 -20.50
N THR A 77 -10.57 -12.61 -21.58
CA THR A 77 -10.17 -14.02 -21.67
C THR A 77 -8.69 -14.27 -22.02
N HIS A 78 -7.96 -13.21 -22.40
CA HIS A 78 -6.56 -13.36 -22.82
C HIS A 78 -5.55 -13.14 -21.69
N ARG A 79 -4.73 -14.15 -21.41
CA ARG A 79 -3.59 -13.94 -20.52
C ARG A 79 -2.64 -12.89 -21.11
N ALA A 80 -2.02 -12.10 -20.24
CA ALA A 80 -1.00 -11.16 -20.68
C ALA A 80 0.34 -11.89 -20.85
N SER A 81 1.29 -11.22 -21.48
CA SER A 81 2.56 -11.81 -21.83
C SER A 81 3.36 -12.21 -20.59
N GLY A 82 3.75 -13.48 -20.51
CA GLY A 82 4.50 -13.99 -19.37
C GLY A 82 3.67 -14.36 -18.15
N VAL A 83 2.35 -14.25 -18.26
CA VAL A 83 1.47 -14.65 -17.16
C VAL A 83 1.30 -16.18 -17.16
N PRO A 84 1.61 -16.83 -16.02
CA PRO A 84 1.54 -18.29 -15.94
C PRO A 84 0.14 -18.82 -16.27
N ASP A 85 0.07 -20.02 -16.84
CA ASP A 85 -1.22 -20.53 -17.31
C ASP A 85 -2.21 -20.94 -16.22
N ARG A 86 -1.80 -20.87 -14.96
CA ARG A 86 -2.75 -21.11 -13.87
C ARG A 86 -3.75 -19.96 -13.63
N PHE A 87 -3.51 -18.81 -14.26
CA PHE A 87 -4.48 -17.71 -14.31
C PHE A 87 -5.32 -17.82 -15.59
N SER A 88 -6.65 -17.77 -15.44
CA SER A 88 -7.52 -17.78 -16.62
C SER A 88 -8.76 -16.94 -16.40
N GLY A 89 -9.12 -16.19 -17.44
CA GLY A 89 -10.27 -15.31 -17.37
C GLY A 89 -11.38 -15.79 -18.26
N SER A 90 -12.61 -15.53 -17.84
CA SER A 90 -13.78 -15.85 -18.65
C SER A 90 -14.92 -14.88 -18.33
N GLY A 91 -15.99 -14.99 -19.09
CA GLY A 91 -17.15 -14.14 -18.92
C GLY A 91 -17.39 -13.28 -20.14
N SER A 92 -18.64 -12.84 -20.27
CA SER A 92 -19.08 -11.98 -21.35
C SER A 92 -20.26 -11.17 -20.85
N GLY A 93 -20.38 -9.93 -21.31
CA GLY A 93 -21.50 -9.09 -20.94
C GLY A 93 -21.26 -8.38 -19.63
N THR A 94 -21.85 -8.88 -18.56
CA THR A 94 -21.83 -8.21 -17.27
C THR A 94 -21.04 -8.98 -16.20
N ASP A 95 -20.95 -10.30 -16.36
CA ASP A 95 -20.35 -11.17 -15.33
C ASP A 95 -19.04 -11.79 -15.80
N PHE A 96 -17.98 -11.58 -15.01
CA PHE A 96 -16.63 -12.04 -15.38
C PHE A 96 -15.94 -12.78 -14.23
N THR A 97 -15.08 -13.74 -14.57
CA THR A 97 -14.41 -14.56 -13.57
C THR A 97 -12.92 -14.64 -13.81
N LEU A 98 -12.14 -14.53 -12.74
CA LEU A 98 -10.72 -14.89 -12.76
C LEU A 98 -10.52 -16.13 -11.89
N LYS A 99 -10.03 -17.20 -12.51
CA LYS A 99 -9.68 -18.40 -11.76
C LYS A 99 -8.18 -18.49 -11.64
N ILE A 100 -7.75 -18.83 -10.42
CA ILE A 100 -6.35 -19.09 -10.16
C ILE A 100 -6.29 -20.51 -9.65
N SER A 101 -5.67 -21.41 -10.40
CA SER A 101 -5.46 -22.74 -9.87
C SER A 101 -4.11 -22.78 -9.15
N ARG A 102 -3.98 -23.67 -8.17
CA ARG A 102 -2.74 -23.86 -7.41
C ARG A 102 -2.12 -22.55 -6.94
N VAL A 103 -2.85 -21.86 -6.07
CA VAL A 103 -2.42 -20.58 -5.50
C VAL A 103 -1.14 -20.73 -4.65
N GLU A 104 -0.24 -19.77 -4.78
CA GLU A 104 1.03 -19.75 -4.05
C GLU A 104 1.30 -18.33 -3.52
N SER A 105 2.35 -18.17 -2.71
CA SER A 105 2.59 -16.88 -2.04
C SER A 105 2.85 -15.70 -3.00
N ASP A 106 3.41 -15.99 -4.17
CA ASP A 106 3.55 -14.98 -5.23
C ASP A 106 2.22 -14.44 -5.76
N ASP A 107 1.14 -15.17 -5.52
CA ASP A 107 -0.20 -14.73 -5.96
C ASP A 107 -0.92 -13.85 -4.95
N VAL A 108 -0.29 -13.63 -3.79
CA VAL A 108 -0.89 -12.84 -2.72
C VAL A 108 -0.86 -11.35 -3.05
N GLY A 109 -1.97 -10.66 -2.76
CA GLY A 109 -2.06 -9.23 -3.06
C GLY A 109 -3.50 -8.83 -3.32
N THR A 110 -3.69 -7.74 -4.05
CA THR A 110 -5.04 -7.31 -4.40
C THR A 110 -5.26 -7.42 -5.90
N TYR A 111 -6.39 -8.01 -6.26
CA TYR A 111 -6.80 -8.19 -7.65
C TYR A 111 -7.87 -7.18 -8.02
N TYR A 112 -7.57 -6.38 -9.02
CA TYR A 112 -8.51 -5.39 -9.50
C TYR A 112 -8.94 -5.75 -10.90
N CYS A 113 -10.24 -5.68 -11.16
CA CYS A 113 -10.73 -5.69 -12.52
C CYS A 113 -10.82 -4.25 -13.01
N MET A 114 -10.86 -4.06 -14.32
CA MET A 114 -10.97 -2.74 -14.88
C MET A 114 -11.77 -2.76 -16.17
N GLN A 115 -12.84 -1.97 -16.22
CA GLN A 115 -13.68 -1.91 -17.41
C GLN A 115 -13.20 -0.83 -18.36
N GLY A 116 -13.14 -1.16 -19.64
CA GLY A 116 -12.61 -0.25 -20.64
C GLY A 116 -13.59 0.10 -21.73
N LEU A 117 -14.86 -0.25 -21.53
CA LEU A 117 -15.90 0.03 -22.52
C LEU A 117 -16.53 1.41 -22.33
N HIS A 118 -16.90 1.74 -21.09
CA HIS A 118 -17.63 2.98 -20.84
C HIS A 118 -16.68 4.04 -20.34
N SER A 119 -16.67 5.18 -21.02
CA SER A 119 -15.94 6.36 -20.54
C SER A 119 -16.78 7.11 -19.52
N PRO A 120 -16.18 7.49 -18.37
CA PRO A 120 -14.77 7.28 -17.98
C PRO A 120 -14.46 5.87 -17.47
N TRP A 121 -13.32 5.35 -17.86
CA TRP A 121 -12.89 4.01 -17.46
C TRP A 121 -12.70 3.92 -15.93
N THR A 122 -12.86 2.73 -15.38
CA THR A 122 -12.88 2.58 -13.91
C THR A 122 -12.34 1.23 -13.44
N PHE A 123 -11.59 1.25 -12.35
CA PHE A 123 -11.21 0.03 -11.64
C PHE A 123 -12.30 -0.39 -10.68
N GLY A 124 -12.44 -1.70 -10.48
CA GLY A 124 -13.18 -2.24 -9.35
C GLY A 124 -12.46 -1.89 -8.05
N GLN A 125 -13.11 -2.16 -6.91
CA GLN A 125 -12.54 -1.85 -5.60
C GLN A 125 -11.55 -2.90 -5.08
N GLY A 126 -11.45 -4.02 -5.78
CA GLY A 126 -10.43 -5.02 -5.48
C GLY A 126 -10.88 -6.20 -4.64
N THR A 127 -10.26 -7.36 -4.87
CA THR A 127 -10.39 -8.52 -4.01
C THR A 127 -9.02 -8.79 -3.40
N LYS A 128 -8.97 -8.88 -2.08
CA LYS A 128 -7.72 -9.15 -1.38
C LYS A 128 -7.55 -10.66 -1.20
N VAL A 129 -6.45 -11.20 -1.72
CA VAL A 129 -6.16 -12.63 -1.62
C VAL A 129 -4.94 -12.86 -0.71
N GLU A 130 -5.07 -13.80 0.23
CA GLU A 130 -4.00 -14.16 1.14
C GLU A 130 -3.92 -15.67 1.24
N ILE A 131 -2.80 -16.16 1.77
CA ILE A 131 -2.62 -17.58 2.03
C ILE A 131 -3.36 -17.96 3.29
N LYS A 132 -4.20 -18.99 3.20
CA LYS A 132 -4.82 -19.54 4.40
C LYS A 132 -3.87 -20.52 5.09
N ARG A 133 -3.76 -20.40 6.41
CA ARG A 133 -2.98 -21.35 7.20
C ARG A 133 -3.71 -21.68 8.48
N THR A 134 -3.15 -22.60 9.25
CA THR A 134 -3.72 -22.94 10.55
C THR A 134 -3.61 -21.76 11.52
N VAL A 135 -4.46 -21.77 12.54
CA VAL A 135 -4.49 -20.72 13.55
C VAL A 135 -3.13 -20.60 14.26
N ALA A 136 -2.71 -19.36 14.50
CA ALA A 136 -1.49 -19.10 15.25
C ALA A 136 -1.72 -17.91 16.16
N ALA A 137 -1.65 -18.14 17.46
CA ALA A 137 -1.77 -17.04 18.39
C ALA A 137 -0.48 -16.21 18.36
N PRO A 138 -0.60 -14.89 18.60
CA PRO A 138 0.63 -14.10 18.64
C PRO A 138 1.47 -14.42 19.87
N SER A 139 2.80 -14.36 19.72
CA SER A 139 3.65 -14.17 20.89
C SER A 139 3.61 -12.67 21.17
N VAL A 140 3.49 -12.30 22.45
CA VAL A 140 3.31 -10.91 22.83
C VAL A 140 4.51 -10.41 23.62
N PHE A 141 5.04 -9.27 23.21
CA PHE A 141 6.21 -8.67 23.83
C PHE A 141 5.92 -7.22 24.16
N ILE A 142 6.43 -6.74 25.28
CA ILE A 142 6.21 -5.36 25.69
C ILE A 142 7.54 -4.65 25.94
N PHE A 143 7.60 -3.37 25.56
CA PHE A 143 8.81 -2.56 25.68
C PHE A 143 8.50 -1.26 26.41
N PRO A 144 9.17 -1.02 27.53
CA PRO A 144 9.01 0.26 28.24
C PRO A 144 9.62 1.40 27.42
N PRO A 145 9.25 2.65 27.72
CA PRO A 145 9.95 3.77 27.06
C PRO A 145 11.42 3.82 27.43
N SER A 146 12.25 4.28 26.51
CA SER A 146 13.68 4.45 26.72
C SER A 146 13.94 5.63 27.65
N ASP A 147 15.00 5.54 28.45
CA ASP A 147 15.43 6.67 29.28
C ASP A 147 15.68 7.92 28.44
N GLU A 148 16.28 7.74 27.26
CA GLU A 148 16.49 8.85 26.34
C GLU A 148 15.19 9.56 25.93
N GLN A 149 14.13 8.80 25.61
CA GLN A 149 12.83 9.43 25.27
C GLN A 149 12.20 10.18 26.44
N LEU A 150 12.24 9.58 27.62
CA LEU A 150 11.72 10.21 28.83
C LEU A 150 12.36 11.58 29.07
N LYS A 151 13.68 11.64 28.91
CA LYS A 151 14.43 12.90 28.99
C LYS A 151 13.75 14.03 28.22
N SER A 152 13.13 13.70 27.09
CA SER A 152 12.54 14.70 26.22
C SER A 152 11.06 14.98 26.53
N GLY A 153 10.55 14.40 27.61
CA GLY A 153 9.19 14.72 28.07
C GLY A 153 8.02 13.90 27.52
N THR A 154 8.35 12.77 26.86
CA THR A 154 7.34 11.87 26.28
C THR A 154 7.64 10.39 26.64
N ALA A 155 6.60 9.59 26.75
CA ALA A 155 6.77 8.15 26.96
C ALA A 155 5.92 7.35 25.98
N SER A 156 6.60 6.56 25.15
CA SER A 156 5.96 5.62 24.25
C SER A 156 6.20 4.21 24.76
N VAL A 157 5.12 3.46 24.96
CA VAL A 157 5.21 2.05 25.32
C VAL A 157 4.79 1.26 24.09
N VAL A 158 5.56 0.21 23.77
CA VAL A 158 5.34 -0.55 22.56
C VAL A 158 5.02 -2.00 22.85
N CYS A 159 3.94 -2.46 22.24
CA CYS A 159 3.49 -3.84 22.29
C CYS A 159 3.67 -4.46 20.90
N LEU A 160 4.24 -5.66 20.87
CA LEU A 160 4.42 -6.41 19.65
C LEU A 160 3.66 -7.74 19.70
N LEU A 161 2.81 -7.97 18.70
CA LEU A 161 2.17 -9.27 18.51
C LEU A 161 2.82 -9.94 17.31
N ASN A 162 3.50 -11.04 17.56
CA ASN A 162 4.35 -11.63 16.53
C ASN A 162 3.82 -12.92 15.94
N ASN A 163 3.87 -13.02 14.62
CA ASN A 163 3.59 -14.27 13.89
C ASN A 163 2.21 -14.91 14.18
N PHE A 164 1.14 -14.15 13.96
CA PHE A 164 -0.19 -14.66 14.22
C PHE A 164 -1.00 -14.82 12.95
N TYR A 165 -2.05 -15.63 13.02
CA TYR A 165 -2.98 -15.86 11.92
C TYR A 165 -4.27 -16.44 12.51
N PRO A 166 -5.45 -15.92 12.10
CA PRO A 166 -5.73 -14.90 11.08
C PRO A 166 -5.39 -13.48 11.50
N ARG A 167 -5.51 -12.57 10.54
CA ARG A 167 -5.06 -11.18 10.69
C ARG A 167 -5.76 -10.39 11.81
N GLU A 168 -7.00 -10.73 12.12
CA GLU A 168 -7.78 -10.05 13.17
C GLU A 168 -7.19 -10.22 14.57
N ALA A 169 -6.75 -9.11 15.15
CA ALA A 169 -6.24 -9.11 16.50
C ALA A 169 -6.67 -7.82 17.17
N LYS A 170 -6.83 -7.85 18.50
CA LYS A 170 -7.20 -6.65 19.24
C LYS A 170 -6.27 -6.42 20.43
N VAL A 171 -5.79 -5.18 20.53
CA VAL A 171 -4.90 -4.77 21.60
C VAL A 171 -5.63 -3.74 22.42
N GLN A 172 -5.62 -3.93 23.73
CA GLN A 172 -6.21 -2.99 24.65
C GLN A 172 -5.15 -2.59 25.67
N TRP A 173 -4.84 -1.30 25.74
CA TRP A 173 -3.85 -0.83 26.70
C TRP A 173 -4.51 -0.53 28.03
N LYS A 174 -3.87 -0.98 29.10
CA LYS A 174 -4.29 -0.65 30.46
C LYS A 174 -3.18 0.05 31.21
N VAL A 175 -3.54 1.06 31.99
CA VAL A 175 -2.62 1.77 32.87
C VAL A 175 -3.20 1.73 34.28
N ASP A 176 -2.46 1.06 35.17
CA ASP A 176 -2.99 0.69 36.50
C ASP A 176 -4.38 0.09 36.33
N ASN A 177 -4.50 -0.82 35.37
CA ASN A 177 -5.78 -1.47 34.98
C ASN A 177 -6.89 -0.58 34.41
N ALA A 178 -6.62 0.71 34.23
CA ALA A 178 -7.60 1.60 33.61
C ALA A 178 -7.51 1.52 32.09
N LEU A 179 -8.65 1.34 31.44
CA LEU A 179 -8.70 1.22 29.97
C LEU A 179 -8.34 2.54 29.32
N GLN A 180 -7.47 2.47 28.32
CA GLN A 180 -6.99 3.62 27.58
C GLN A 180 -7.71 3.70 26.26
N SER A 181 -7.96 4.92 25.79
CA SER A 181 -8.42 5.14 24.42
C SER A 181 -7.98 6.50 23.93
N GLY A 182 -7.76 6.61 22.61
CA GLY A 182 -7.35 7.84 21.97
C GLY A 182 -5.88 8.21 22.13
N ASN A 183 -5.08 7.32 22.71
CA ASN A 183 -3.66 7.63 22.92
C ASN A 183 -2.73 6.52 22.40
N SER A 184 -3.25 5.73 21.48
CA SER A 184 -2.44 4.67 20.89
C SER A 184 -2.69 4.55 19.39
N GLN A 185 -1.71 3.98 18.70
CA GLN A 185 -1.82 3.67 17.28
C GLN A 185 -1.16 2.33 16.94
N GLU A 186 -1.73 1.64 15.96
CA GLU A 186 -1.18 0.36 15.58
C GLU A 186 -0.93 0.23 14.09
N SER A 187 -0.10 -0.76 13.75
CA SER A 187 0.36 -0.97 12.42
C SER A 187 0.52 -2.48 12.28
N VAL A 188 0.13 -3.01 11.13
CA VAL A 188 0.26 -4.45 10.84
C VAL A 188 1.14 -4.66 9.60
N THR A 189 1.95 -5.71 9.58
CA THR A 189 2.77 -6.02 8.42
C THR A 189 1.95 -6.71 7.34
N GLU A 190 2.60 -6.94 6.20
CA GLU A 190 2.03 -7.77 5.15
C GLU A 190 2.24 -9.24 5.53
N GLN A 191 1.47 -10.13 4.91
CA GLN A 191 1.61 -11.55 5.21
C GLN A 191 3.01 -12.04 4.86
N ASP A 192 3.66 -12.69 5.82
CA ASP A 192 4.98 -13.28 5.61
C ASP A 192 4.87 -14.41 4.60
N SER A 193 5.74 -14.40 3.60
CA SER A 193 5.62 -15.33 2.49
C SER A 193 6.00 -16.76 2.89
N LYS A 194 6.86 -16.87 3.89
CA LYS A 194 7.33 -18.16 4.38
C LYS A 194 6.36 -18.87 5.35
N ASP A 195 5.85 -18.17 6.36
CA ASP A 195 5.00 -18.85 7.37
C ASP A 195 3.52 -18.42 7.32
N SER A 196 3.23 -17.46 6.45
CA SER A 196 1.85 -16.99 6.19
C SER A 196 1.23 -16.24 7.37
N THR A 197 2.06 -15.67 8.23
CA THR A 197 1.56 -14.94 9.38
C THR A 197 1.65 -13.42 9.21
N TYR A 198 1.05 -12.75 10.18
CA TYR A 198 1.11 -11.31 10.33
C TYR A 198 1.74 -10.96 11.67
N SER A 199 2.27 -9.74 11.75
CA SER A 199 2.76 -9.19 12.99
C SER A 199 2.19 -7.79 13.13
N LEU A 200 1.97 -7.39 14.39
CA LEU A 200 1.37 -6.11 14.68
C LEU A 200 2.12 -5.44 15.82
N SER A 201 2.29 -4.12 15.74
CA SER A 201 2.80 -3.33 16.84
C SER A 201 1.81 -2.24 17.23
N SER A 202 1.67 -2.00 18.52
CA SER A 202 0.81 -0.94 19.02
C SER A 202 1.66 -0.06 19.91
N THR A 203 1.48 1.25 19.79
CA THR A 203 2.25 2.20 20.56
C THR A 203 1.32 3.10 21.36
N LEU A 204 1.45 3.02 22.69
CA LEU A 204 0.77 3.93 23.60
C LEU A 204 1.67 5.15 23.89
N THR A 205 1.14 6.35 23.67
CA THR A 205 1.91 7.55 23.93
C THR A 205 1.31 8.39 25.06
N LEU A 206 2.16 8.70 26.04
CA LEU A 206 1.80 9.57 27.15
C LEU A 206 2.87 10.63 27.35
N SER A 207 2.50 11.73 28.00
CA SER A 207 3.48 12.68 28.51
C SER A 207 4.27 12.04 29.65
N LYS A 208 5.50 12.50 29.87
CA LYS A 208 6.30 12.06 31.01
C LYS A 208 5.50 12.21 32.31
N ALA A 209 4.82 13.34 32.46
CA ALA A 209 4.00 13.63 33.65
C ALA A 209 2.93 12.56 33.92
N ASP A 210 2.14 12.22 32.90
CA ASP A 210 1.12 11.18 33.07
C ASP A 210 1.75 9.82 33.34
N TYR A 211 2.83 9.54 32.62
CA TYR A 211 3.54 8.26 32.72
C TYR A 211 4.07 8.01 34.14
N GLU A 212 4.58 9.06 34.78
CA GLU A 212 5.15 8.94 36.12
C GLU A 212 4.11 8.94 37.25
N LYS A 213 2.84 9.12 36.92
CA LYS A 213 1.77 9.03 37.93
C LYS A 213 1.22 7.62 38.10
N HIS A 214 1.75 6.66 37.34
CA HIS A 214 1.21 5.30 37.35
C HIS A 214 2.29 4.24 37.37
N LYS A 215 1.89 3.02 37.78
CA LYS A 215 2.83 1.94 38.02
C LYS A 215 2.76 0.83 36.97
N VAL A 216 1.59 0.23 36.78
CA VAL A 216 1.47 -0.93 35.90
C VAL A 216 1.04 -0.54 34.49
N TYR A 217 1.87 -0.92 33.52
CA TYR A 217 1.61 -0.70 32.12
C TYR A 217 1.42 -2.04 31.46
N ALA A 218 0.27 -2.20 30.79
CA ALA A 218 -0.15 -3.51 30.31
C ALA A 218 -0.80 -3.43 28.95
N CYS A 219 -0.45 -4.44 28.16
CA CYS A 219 -0.95 -4.64 26.83
C CYS A 219 -1.81 -5.91 26.90
N GLU A 220 -3.12 -5.77 26.70
CA GLU A 220 -4.03 -6.93 26.72
C GLU A 220 -4.48 -7.29 25.31
N VAL A 221 -4.36 -8.57 24.96
CA VAL A 221 -4.45 -9.02 23.59
C VAL A 221 -5.52 -10.08 23.36
N THR A 222 -6.33 -9.89 22.33
CA THR A 222 -7.36 -10.85 21.95
C THR A 222 -7.12 -11.37 20.55
N HIS A 223 -7.30 -12.68 20.38
CA HIS A 223 -7.10 -13.33 19.09
C HIS A 223 -7.81 -14.67 19.06
N GLN A 224 -8.22 -15.08 17.86
CA GLN A 224 -8.88 -16.37 17.63
C GLN A 224 -8.11 -17.55 18.23
N GLY A 225 -6.77 -17.45 18.22
CA GLY A 225 -5.88 -18.49 18.74
C GLY A 225 -5.73 -18.55 20.26
N LEU A 226 -6.25 -17.53 20.94
CA LEU A 226 -6.16 -17.46 22.39
C LEU A 226 -7.50 -17.79 23.04
N SER A 227 -7.51 -18.76 23.96
CA SER A 227 -8.75 -19.20 24.60
C SER A 227 -9.29 -18.12 25.52
N SER A 228 -8.37 -17.35 26.13
CA SER A 228 -8.71 -16.14 26.86
C SER A 228 -7.62 -15.08 26.66
N PRO A 229 -7.94 -13.79 26.86
CA PRO A 229 -7.01 -12.72 26.55
C PRO A 229 -5.68 -12.85 27.27
N VAL A 230 -4.61 -12.40 26.63
CA VAL A 230 -3.27 -12.46 27.19
C VAL A 230 -2.81 -11.04 27.56
N THR A 231 -2.27 -10.90 28.76
CA THR A 231 -1.79 -9.62 29.21
C THR A 231 -0.27 -9.66 29.34
N LYS A 232 0.39 -8.68 28.72
CA LYS A 232 1.79 -8.43 29.00
C LYS A 232 1.90 -7.09 29.71
N SER A 233 2.57 -7.09 30.86
CA SER A 233 2.72 -5.89 31.65
C SER A 233 4.12 -5.73 32.24
N PHE A 234 4.45 -4.51 32.65
CA PHE A 234 5.62 -4.25 33.47
C PHE A 234 5.27 -3.16 34.48
N ASN A 235 6.08 -3.07 35.55
CA ASN A 235 5.94 -1.99 36.51
C ASN A 235 6.99 -0.91 36.23
N ARG A 236 6.55 0.33 36.21
CA ARG A 236 7.44 1.47 36.01
C ARG A 236 8.57 1.42 37.03
N GLY A 237 9.80 1.63 36.57
CA GLY A 237 10.99 1.38 37.38
C GLY A 237 11.32 -0.09 37.23
N GLU A 238 11.13 -0.86 38.30
CA GLU A 238 11.20 -2.33 38.24
C GLU A 238 10.09 -2.98 39.06
N GLN B 24 10.36 -2.66 -23.70
CA GLN B 24 10.54 -2.25 -22.26
C GLN B 24 10.86 -0.75 -22.12
N VAL B 25 9.92 0.07 -22.56
CA VAL B 25 9.94 1.51 -22.30
C VAL B 25 10.10 1.77 -20.80
N GLN B 26 10.86 2.80 -20.45
CA GLN B 26 10.95 3.22 -19.05
C GLN B 26 10.36 4.62 -18.90
N LEU B 27 9.51 4.78 -17.88
CA LEU B 27 8.91 6.05 -17.55
C LEU B 27 9.64 6.67 -16.35
N VAL B 28 9.95 7.96 -16.48
CA VAL B 28 10.56 8.71 -15.39
C VAL B 28 9.57 9.78 -14.92
N GLN B 29 9.33 9.82 -13.60
CA GLN B 29 8.38 10.76 -13.02
C GLN B 29 9.09 11.80 -12.13
N SER B 30 8.46 12.96 -11.95
CA SER B 30 9.04 14.01 -11.12
C SER B 30 9.05 13.57 -9.66
N GLY B 31 9.81 14.27 -8.82
CA GLY B 31 10.08 13.83 -7.44
C GLY B 31 8.91 14.06 -6.51
N ALA B 32 8.99 13.42 -5.33
CA ALA B 32 7.95 13.57 -4.30
C ALA B 32 7.76 15.02 -3.92
N GLU B 33 6.53 15.39 -3.60
CA GLU B 33 6.22 16.76 -3.20
C GLU B 33 5.34 16.77 -1.97
N VAL B 34 5.49 17.81 -1.17
CA VAL B 34 4.60 18.12 -0.06
C VAL B 34 3.89 19.43 -0.41
N LYS B 35 2.57 19.45 -0.28
CA LYS B 35 1.79 20.61 -0.65
C LYS B 35 0.78 20.93 0.45
N LYS B 36 0.55 22.23 0.66
CA LYS B 36 -0.47 22.69 1.59
C LYS B 36 -1.86 22.41 1.05
N PRO B 37 -2.82 22.07 1.95
CA PRO B 37 -4.23 22.02 1.57
C PRO B 37 -4.62 23.31 0.87
N GLY B 38 -5.30 23.20 -0.26
CA GLY B 38 -5.73 24.38 -1.00
C GLY B 38 -4.83 24.74 -2.19
N SER B 39 -3.62 24.19 -2.24
CA SER B 39 -2.74 24.49 -3.36
C SER B 39 -2.90 23.49 -4.51
N SER B 40 -1.93 23.48 -5.42
CA SER B 40 -1.97 22.63 -6.60
C SER B 40 -0.61 22.01 -6.86
N VAL B 41 -0.63 20.80 -7.42
CA VAL B 41 0.57 20.08 -7.84
C VAL B 41 0.54 19.88 -9.34
N LYS B 42 1.70 19.98 -9.97
CA LYS B 42 1.87 19.62 -11.38
C LYS B 42 2.93 18.52 -11.46
N VAL B 43 2.50 17.30 -11.77
CA VAL B 43 3.39 16.15 -11.88
C VAL B 43 3.79 15.97 -13.33
N SER B 44 5.04 15.61 -13.59
CA SER B 44 5.50 15.38 -14.96
C SER B 44 6.02 13.96 -15.17
N CYS B 45 6.06 13.57 -16.44
CA CYS B 45 6.45 12.23 -16.78
C CYS B 45 7.12 12.25 -18.16
N LYS B 46 8.24 11.54 -18.27
CA LYS B 46 8.90 11.32 -19.56
C LYS B 46 9.00 9.82 -19.83
N ALA B 47 8.98 9.47 -21.10
CA ALA B 47 9.11 8.08 -21.52
C ALA B 47 10.35 7.94 -22.38
N SER B 48 11.14 6.91 -22.14
CA SER B 48 12.31 6.63 -22.98
C SER B 48 11.90 6.53 -24.45
N GLY B 49 12.76 7.02 -25.33
CA GLY B 49 12.52 6.99 -26.77
C GLY B 49 11.32 7.82 -27.21
N ASN B 50 10.94 8.78 -26.36
CA ASN B 50 9.81 9.64 -26.64
C ASN B 50 8.54 8.87 -26.95
N SER B 51 8.28 7.82 -26.17
CA SER B 51 7.21 6.88 -26.43
C SER B 51 5.79 7.42 -26.27
N PHE B 52 5.60 8.55 -25.59
CA PHE B 52 4.25 9.12 -25.49
C PHE B 52 3.73 9.64 -26.84
N SER B 53 4.63 9.73 -27.83
CA SER B 53 4.23 10.01 -29.21
C SER B 53 3.39 8.88 -29.79
N ASN B 54 3.62 7.66 -29.33
CA ASN B 54 3.12 6.48 -30.02
C ASN B 54 2.28 5.57 -29.12
N HIS B 55 2.26 5.89 -27.83
CA HIS B 55 1.51 5.15 -26.84
C HIS B 55 0.75 6.09 -25.91
N ASP B 56 -0.55 5.82 -25.74
CA ASP B 56 -1.43 6.61 -24.88
C ASP B 56 -0.85 6.75 -23.46
N VAL B 57 -1.05 7.92 -22.82
CA VAL B 57 -0.68 8.15 -21.42
C VAL B 57 -1.91 8.02 -20.54
N HIS B 58 -1.77 7.35 -19.41
CA HIS B 58 -2.79 7.34 -18.35
C HIS B 58 -2.21 7.82 -17.03
N TRP B 59 -3.11 8.33 -16.18
CA TRP B 59 -2.78 8.71 -14.84
C TRP B 59 -3.67 7.92 -13.90
N VAL B 60 -3.03 7.25 -12.94
CA VAL B 60 -3.73 6.50 -11.92
C VAL B 60 -3.14 6.91 -10.58
N ARG B 61 -3.98 7.10 -9.57
CA ARG B 61 -3.47 7.35 -8.23
C ARG B 61 -3.91 6.26 -7.25
N GLN B 62 -3.22 6.19 -6.12
CA GLN B 62 -3.55 5.24 -5.09
C GLN B 62 -3.07 5.77 -3.74
N ALA B 63 -4.02 5.97 -2.82
CA ALA B 63 -3.70 6.33 -1.44
C ALA B 63 -3.27 5.08 -0.64
N THR B 64 -2.42 5.31 0.34
CA THR B 64 -1.92 4.22 1.17
C THR B 64 -3.04 3.31 1.66
N GLY B 65 -2.92 2.02 1.36
CA GLY B 65 -3.90 1.02 1.82
C GLY B 65 -5.22 1.03 1.07
N GLN B 66 -5.31 1.80 -0.01
CA GLN B 66 -6.58 1.92 -0.74
C GLN B 66 -6.46 1.46 -2.18
N GLY B 67 -7.56 1.45 -2.90
CA GLY B 67 -7.60 0.91 -4.26
C GLY B 67 -7.01 1.82 -5.33
N LEU B 68 -6.94 1.28 -6.54
CA LEU B 68 -6.50 2.05 -7.72
C LEU B 68 -7.61 2.96 -8.19
N GLU B 69 -7.24 4.19 -8.52
CA GLU B 69 -8.19 5.13 -9.00
C GLU B 69 -7.72 5.76 -10.31
N TRP B 70 -8.45 5.47 -11.38
CA TRP B 70 -8.11 6.02 -12.69
C TRP B 70 -8.44 7.50 -12.73
N MET B 71 -7.48 8.31 -13.18
CA MET B 71 -7.64 9.78 -13.16
C MET B 71 -8.03 10.36 -14.50
N GLY B 72 -7.26 10.03 -15.53
CA GLY B 72 -7.48 10.53 -16.88
C GLY B 72 -6.46 9.94 -17.84
N TRP B 73 -6.55 10.35 -19.10
CA TRP B 73 -5.66 9.85 -20.14
C TRP B 73 -5.56 10.87 -21.26
N MET B 74 -4.61 10.66 -22.16
CA MET B 74 -4.55 11.38 -23.43
C MET B 74 -4.11 10.37 -24.48
N SER B 75 -4.78 10.39 -25.63
CA SER B 75 -4.40 9.53 -26.74
C SER B 75 -3.03 9.97 -27.23
N HIS B 76 -2.20 9.02 -27.68
CA HIS B 76 -0.90 9.41 -28.23
C HIS B 76 -1.03 10.28 -29.49
N GLU B 77 -2.15 10.14 -30.22
CA GLU B 77 -2.45 11.01 -31.36
C GLU B 77 -2.58 12.48 -30.92
N GLY B 78 -2.91 12.70 -29.65
CA GLY B 78 -3.11 14.03 -29.12
C GLY B 78 -4.45 14.65 -29.47
N ASP B 79 -5.42 13.82 -29.83
CA ASP B 79 -6.72 14.29 -30.30
C ASP B 79 -7.85 13.97 -29.31
N LYS B 80 -7.48 13.40 -28.16
CA LYS B 80 -8.44 12.95 -27.15
C LYS B 80 -7.86 12.97 -25.76
N THR B 81 -8.62 13.54 -24.84
CA THR B 81 -8.30 13.58 -23.42
C THR B 81 -9.60 13.29 -22.70
N GLY B 82 -9.50 12.66 -21.54
CA GLY B 82 -10.66 12.40 -20.70
C GLY B 82 -10.23 12.31 -19.25
N LEU B 83 -11.17 12.52 -18.34
CA LEU B 83 -10.94 12.50 -16.90
C LEU B 83 -12.00 11.69 -16.20
N ALA B 84 -11.72 11.20 -14.99
CA ALA B 84 -12.77 10.65 -14.14
C ALA B 84 -13.75 11.75 -13.73
N GLN B 85 -14.98 11.35 -13.38
CA GLN B 85 -15.99 12.30 -12.90
C GLN B 85 -15.47 13.12 -11.71
N LYS B 86 -14.83 12.46 -10.74
CA LYS B 86 -14.25 13.13 -9.56
C LYS B 86 -13.22 14.24 -9.86
N PHE B 87 -12.60 14.21 -11.05
CA PHE B 87 -11.53 15.17 -11.34
C PHE B 87 -11.96 16.25 -12.32
N GLN B 88 -13.23 16.18 -12.69
CA GLN B 88 -13.86 17.14 -13.56
C GLN B 88 -13.77 18.53 -12.90
N GLY B 89 -13.08 19.46 -13.56
CA GLY B 89 -12.82 20.78 -12.97
C GLY B 89 -11.59 20.85 -12.05
N ARG B 90 -10.98 19.71 -11.73
CA ARG B 90 -9.83 19.66 -10.80
C ARG B 90 -8.50 19.43 -11.52
N VAL B 91 -8.54 18.69 -12.62
CA VAL B 91 -7.33 18.16 -13.24
C VAL B 91 -7.12 18.73 -14.67
N THR B 92 -5.87 19.02 -15.02
CA THR B 92 -5.44 19.27 -16.45
C THR B 92 -4.35 18.30 -16.84
N ILE B 93 -4.57 17.60 -17.95
CA ILE B 93 -3.54 16.73 -18.51
C ILE B 93 -3.07 17.36 -19.81
N THR B 94 -1.77 17.63 -19.89
CA THR B 94 -1.20 18.27 -21.07
C THR B 94 0.13 17.62 -21.42
N ARG B 95 0.64 17.95 -22.61
CA ARG B 95 1.98 17.53 -23.01
C ARG B 95 2.67 18.63 -23.82
N ASP B 96 3.99 18.73 -23.71
CA ASP B 96 4.79 19.61 -24.59
C ASP B 96 4.70 19.14 -26.03
N SER B 97 5.13 19.99 -26.96
CA SER B 97 5.20 19.63 -28.38
C SER B 97 6.14 18.45 -28.58
N GLY B 98 5.86 17.63 -29.60
CA GLY B 98 6.61 16.41 -29.82
C GLY B 98 6.41 15.38 -28.72
N ALA B 99 5.43 15.65 -27.85
CA ALA B 99 5.06 14.78 -26.72
C ALA B 99 6.23 14.34 -25.83
N SER B 100 7.19 15.23 -25.65
CA SER B 100 8.42 14.90 -24.93
C SER B 100 8.20 14.73 -23.42
N THR B 101 7.28 15.50 -22.85
CA THR B 101 6.94 15.41 -21.44
C THR B 101 5.43 15.49 -21.30
N VAL B 102 4.88 14.73 -20.38
CA VAL B 102 3.46 14.74 -20.09
C VAL B 102 3.27 15.24 -18.66
N TYR B 103 2.19 15.98 -18.43
CA TYR B 103 1.94 16.63 -17.15
C TYR B 103 0.52 16.40 -16.68
N MET B 104 0.37 16.33 -15.37
CA MET B 104 -0.93 16.23 -14.74
C MET B 104 -0.96 17.23 -13.59
N GLU B 105 -1.88 18.18 -13.68
CA GLU B 105 -2.05 19.18 -12.65
C GLU B 105 -3.36 18.95 -11.90
N LEU B 106 -3.23 18.83 -10.60
CA LEU B 106 -4.37 18.68 -9.71
C LEU B 106 -4.43 19.90 -8.80
N ARG B 107 -5.58 20.57 -8.77
CA ARG B 107 -5.73 21.75 -7.92
C ARG B 107 -6.71 21.55 -6.76
N GLY B 108 -6.72 22.48 -5.81
CA GLY B 108 -7.59 22.43 -4.63
C GLY B 108 -7.34 21.21 -3.75
N LEU B 109 -6.07 20.92 -3.50
CA LEU B 109 -5.65 19.73 -2.75
C LEU B 109 -6.22 19.71 -1.33
N THR B 110 -6.59 18.52 -0.89
CA THR B 110 -6.97 18.26 0.51
C THR B 110 -6.19 17.03 0.92
N ALA B 111 -6.27 16.68 2.20
CA ALA B 111 -5.67 15.44 2.72
C ALA B 111 -6.12 14.20 1.93
N ASP B 112 -7.31 14.24 1.36
CA ASP B 112 -7.81 13.15 0.53
C ASP B 112 -7.00 12.91 -0.74
N ASP B 113 -6.22 13.90 -1.14
CA ASP B 113 -5.42 13.81 -2.34
C ASP B 113 -4.02 13.28 -2.08
N THR B 114 -3.70 13.06 -0.81
CA THR B 114 -2.45 12.44 -0.41
C THR B 114 -2.44 11.02 -0.98
N ALA B 115 -1.50 10.78 -1.89
CA ALA B 115 -1.44 9.51 -2.61
C ALA B 115 -0.14 9.42 -3.38
N ILE B 116 0.08 8.25 -3.99
CA ILE B 116 1.11 8.10 -5.02
C ILE B 116 0.43 8.25 -6.38
N TYR B 117 0.99 9.14 -7.21
CA TYR B 117 0.43 9.43 -8.53
C TYR B 117 1.27 8.73 -9.59
N TYR B 118 0.62 7.85 -10.35
CA TYR B 118 1.31 7.07 -11.37
C TYR B 118 1.01 7.53 -12.76
N CYS B 119 2.07 7.57 -13.55
CA CYS B 119 2.03 7.79 -14.98
C CYS B 119 2.17 6.42 -15.65
N LEU B 120 1.46 6.21 -16.74
CA LEU B 120 1.50 4.92 -17.45
C LEU B 120 1.17 4.97 -18.94
N THR B 121 1.67 3.98 -19.68
CA THR B 121 1.27 3.84 -21.07
C THR B 121 0.12 2.85 -21.13
N GLY B 122 -0.67 2.93 -22.20
CA GLY B 122 -1.73 1.96 -22.43
C GLY B 122 -2.02 1.78 -23.91
N SER B 123 -2.81 0.74 -24.21
CA SER B 123 -3.31 0.47 -25.55
C SER B 123 -4.84 0.63 -25.61
N LYS B 124 -5.31 1.13 -26.74
CA LYS B 124 -6.72 1.32 -26.96
C LYS B 124 -7.11 0.65 -28.27
N HIS B 125 -8.41 0.47 -28.45
CA HIS B 125 -8.99 0.12 -29.73
C HIS B 125 -9.79 1.34 -30.18
N ARG B 126 -9.45 1.89 -31.32
CA ARG B 126 -10.15 3.07 -31.83
C ARG B 126 -11.06 2.56 -32.93
N LEU B 127 -12.36 2.56 -32.64
CA LEU B 127 -13.29 1.77 -33.45
C LEU B 127 -14.39 2.65 -33.99
N ARG B 128 -14.87 2.32 -35.18
CA ARG B 128 -15.99 3.06 -35.75
C ARG B 128 -17.30 2.55 -35.18
N ASP B 129 -17.96 3.40 -34.39
CA ASP B 129 -19.20 3.03 -33.72
C ASP B 129 -20.41 3.34 -34.60
N TYR B 130 -20.41 4.52 -35.20
CA TYR B 130 -21.51 4.91 -36.05
C TYR B 130 -21.05 5.04 -37.49
N PHE B 131 -21.82 4.46 -38.41
CA PHE B 131 -21.57 4.63 -39.83
C PHE B 131 -22.90 4.66 -40.55
N LEU B 132 -23.10 5.69 -41.36
CA LEU B 132 -24.26 5.81 -42.23
C LEU B 132 -23.77 6.12 -43.63
N TYS B 133 -24.13 5.24 -44.57
CA TYS B 133 -23.73 5.39 -45.96
CB TYS B 133 -24.13 4.14 -46.79
CG TYS B 133 -23.54 4.19 -48.19
CD1 TYS B 133 -22.17 4.15 -48.39
CD2 TYS B 133 -24.36 4.35 -49.32
CE1 TYS B 133 -21.60 4.23 -49.64
CE2 TYS B 133 -23.81 4.42 -50.61
CZ TYS B 133 -22.42 4.36 -50.75
OH TYS B 133 -21.76 4.45 -51.98
S TYS B 133 -22.35 3.67 -53.24
O1 TYS B 133 -22.92 2.32 -52.84
O2 TYS B 133 -23.38 4.51 -53.99
O3 TYS B 133 -21.17 3.53 -54.18
C TYS B 133 -24.33 6.65 -46.58
O TYS B 133 -25.53 6.87 -46.51
N ASN B 134 -23.46 7.47 -47.15
CA ASN B 134 -23.90 8.63 -47.93
C ASN B 134 -23.51 8.44 -49.39
N GLU B 135 -24.50 8.27 -50.25
CA GLU B 135 -24.23 8.10 -51.68
C GLU B 135 -23.76 9.36 -52.42
N TYS B 136 -23.95 10.54 -51.82
CA TYS B 136 -23.76 11.82 -52.51
CB TYS B 136 -25.07 12.61 -52.51
CG TYS B 136 -26.18 11.76 -53.05
CD1 TYS B 136 -26.06 11.14 -54.30
CD2 TYS B 136 -27.33 11.51 -52.29
CE1 TYS B 136 -27.06 10.31 -54.79
CE2 TYS B 136 -28.34 10.68 -52.78
CZ TYS B 136 -28.20 10.09 -54.03
OH TYS B 136 -29.17 9.26 -54.52
S TYS B 136 -30.14 9.94 -55.60
O1 TYS B 136 -30.68 11.23 -54.99
O2 TYS B 136 -29.38 10.22 -56.87
O3 TYS B 136 -31.29 8.98 -55.91
C TYS B 136 -22.60 12.66 -51.99
O TYS B 136 -22.49 13.85 -52.31
N GLY B 137 -21.75 12.03 -51.20
CA GLY B 137 -20.58 12.68 -50.63
C GLY B 137 -19.97 11.81 -49.55
N PRO B 138 -19.12 12.40 -48.69
CA PRO B 138 -18.44 11.62 -47.64
C PRO B 138 -19.45 11.01 -46.68
N ASN B 139 -19.09 9.91 -46.04
CA ASN B 139 -19.99 9.20 -45.15
C ASN B 139 -20.13 9.83 -43.77
N TYR B 140 -21.22 9.49 -43.09
CA TYR B 140 -21.43 9.88 -41.70
C TYR B 140 -20.76 8.84 -40.81
N GLU B 141 -19.86 9.32 -39.96
CA GLU B 141 -19.09 8.43 -39.08
C GLU B 141 -18.94 9.00 -37.69
N GLU B 142 -18.82 8.11 -36.72
CA GLU B 142 -18.38 8.48 -35.39
C GLU B 142 -17.53 7.35 -34.83
N TRP B 143 -16.37 7.73 -34.27
CA TRP B 143 -15.41 6.77 -33.74
C TRP B 143 -15.29 6.91 -32.25
N GLY B 144 -14.98 5.80 -31.57
CA GLY B 144 -14.81 5.77 -30.13
C GLY B 144 -13.53 5.07 -29.71
N ASP B 145 -13.02 5.44 -28.55
CA ASP B 145 -11.83 4.81 -27.98
C ASP B 145 -12.21 3.89 -26.84
N TYR B 146 -11.65 2.69 -26.87
CA TYR B 146 -11.90 1.68 -25.88
C TYR B 146 -10.59 1.15 -25.32
N LEU B 147 -10.49 1.11 -23.99
CA LEU B 147 -9.25 0.78 -23.30
C LEU B 147 -9.05 -0.72 -23.24
N ALA B 148 -7.96 -1.17 -23.83
CA ALA B 148 -7.66 -2.58 -23.92
C ALA B 148 -6.68 -3.02 -22.83
N THR B 149 -5.60 -2.26 -22.64
CA THR B 149 -4.60 -2.62 -21.64
C THR B 149 -3.96 -1.38 -21.06
N LEU B 150 -3.57 -1.46 -19.79
CA LEU B 150 -2.57 -0.57 -19.18
C LEU B 150 -1.24 -1.32 -19.17
N ASP B 151 -0.18 -0.68 -19.66
CA ASP B 151 1.01 -1.43 -19.99
C ASP B 151 2.18 -1.18 -19.04
N VAL B 152 2.90 -0.07 -19.23
CA VAL B 152 4.02 0.23 -18.38
C VAL B 152 3.62 1.25 -17.31
N TRP B 153 3.91 0.90 -16.06
CA TRP B 153 3.66 1.79 -14.93
C TRP B 153 4.96 2.51 -14.57
N GLY B 154 4.87 3.82 -14.32
CA GLY B 154 6.00 4.55 -13.73
C GLY B 154 6.16 4.17 -12.26
N HIS B 155 7.23 4.63 -11.62
CA HIS B 155 7.46 4.33 -10.21
C HIS B 155 6.57 5.15 -9.29
N GLY B 156 5.95 6.20 -9.85
CA GLY B 156 5.02 7.01 -9.09
C GLY B 156 5.65 8.27 -8.50
N THR B 157 4.79 9.21 -8.15
CA THR B 157 5.20 10.41 -7.46
C THR B 157 4.34 10.52 -6.22
N ALA B 158 4.99 10.50 -5.07
CA ALA B 158 4.30 10.65 -3.79
C ALA B 158 3.96 12.12 -3.55
N VAL B 159 2.67 12.42 -3.47
CA VAL B 159 2.25 13.75 -3.08
C VAL B 159 1.59 13.70 -1.70
N THR B 160 2.17 14.44 -0.77
CA THR B 160 1.70 14.53 0.60
C THR B 160 1.03 15.88 0.82
N VAL B 161 -0.26 15.86 1.11
CA VAL B 161 -0.98 17.11 1.36
C VAL B 161 -1.04 17.39 2.86
N SER B 162 -0.27 18.37 3.30
CA SER B 162 -0.06 18.65 4.71
C SER B 162 0.62 20.00 4.89
N SER B 163 0.32 20.68 5.99
CA SER B 163 1.02 21.91 6.32
C SER B 163 2.22 21.68 7.28
N ALA B 164 2.57 20.41 7.51
CA ALA B 164 3.73 20.05 8.35
C ALA B 164 5.07 20.47 7.76
N SER B 165 6.06 20.61 8.64
CA SER B 165 7.43 20.92 8.26
C SER B 165 8.30 19.66 8.25
N THR B 166 9.16 19.54 7.24
CA THR B 166 10.19 18.50 7.18
C THR B 166 10.88 18.36 8.53
N LYS B 167 10.99 17.12 9.01
CA LYS B 167 11.58 16.83 10.32
C LYS B 167 12.14 15.41 10.35
N GLY B 168 13.41 15.28 10.76
CA GLY B 168 14.05 13.98 10.92
C GLY B 168 13.56 13.26 12.16
N PRO B 169 13.54 11.93 12.12
CA PRO B 169 12.98 11.20 13.26
C PRO B 169 13.91 11.16 14.46
N SER B 170 13.33 11.02 15.65
CA SER B 170 14.10 10.58 16.79
C SER B 170 14.09 9.06 16.74
N VAL B 171 15.22 8.45 17.10
CA VAL B 171 15.29 7.00 17.12
C VAL B 171 15.56 6.57 18.56
N PHE B 172 14.65 5.75 19.10
CA PHE B 172 14.80 5.24 20.46
C PHE B 172 14.88 3.72 20.44
N PRO B 173 15.73 3.14 21.30
CA PRO B 173 15.82 1.68 21.37
C PRO B 173 14.57 1.06 22.01
N LEU B 174 14.17 -0.07 21.46
CA LEU B 174 13.23 -0.97 22.14
C LEU B 174 14.11 -2.08 22.71
N ALA B 175 14.47 -1.94 23.97
CA ALA B 175 15.47 -2.80 24.58
C ALA B 175 14.94 -4.21 24.85
N PRO B 176 15.76 -5.25 24.54
CA PRO B 176 15.36 -6.60 24.90
C PRO B 176 15.45 -6.81 26.40
N SER B 177 14.41 -7.41 26.98
CA SER B 177 14.36 -7.64 28.42
C SER B 177 13.72 -9.00 28.65
N SER B 178 13.48 -9.35 29.92
CA SER B 178 12.74 -10.56 30.26
C SER B 178 11.30 -10.47 29.76
N LYS B 179 10.81 -9.24 29.58
CA LYS B 179 9.47 -8.98 29.05
C LYS B 179 9.41 -9.01 27.50
N SER B 180 10.53 -9.30 26.86
CA SER B 180 10.55 -9.51 25.42
C SER B 180 11.23 -10.83 25.03
N THR B 181 11.34 -11.74 26.00
CA THR B 181 12.09 -12.98 25.79
C THR B 181 11.30 -14.20 26.26
N SER B 182 11.31 -15.25 25.45
CA SER B 182 10.74 -16.55 25.84
C SER B 182 11.15 -17.65 24.84
N GLY B 183 11.32 -18.87 25.36
CA GLY B 183 11.64 -20.04 24.53
C GLY B 183 12.91 -19.91 23.71
N GLY B 184 13.94 -19.32 24.31
CA GLY B 184 15.22 -19.12 23.64
C GLY B 184 15.25 -17.99 22.62
N THR B 185 14.19 -17.20 22.53
CA THR B 185 14.19 -16.06 21.60
C THR B 185 13.81 -14.74 22.26
N ALA B 186 14.50 -13.69 21.86
CA ALA B 186 14.26 -12.35 22.37
C ALA B 186 13.83 -11.43 21.23
N ALA B 187 12.99 -10.44 21.54
CA ALA B 187 12.67 -9.37 20.60
C ALA B 187 13.30 -8.06 21.03
N LEU B 188 13.68 -7.27 20.04
CA LEU B 188 14.31 -5.99 20.26
C LEU B 188 13.99 -5.17 19.03
N GLY B 189 14.11 -3.86 19.13
CA GLY B 189 13.73 -3.02 18.02
C GLY B 189 14.20 -1.59 18.14
N CYS B 190 13.70 -0.76 17.24
CA CYS B 190 13.91 0.68 17.25
C CYS B 190 12.59 1.34 16.99
N LEU B 191 12.31 2.38 17.77
CA LEU B 191 11.15 3.22 17.54
C LEU B 191 11.60 4.49 16.83
N VAL B 192 11.05 4.70 15.64
CA VAL B 192 11.40 5.82 14.78
C VAL B 192 10.29 6.86 14.83
N LYS B 193 10.46 7.83 15.72
CA LYS B 193 9.37 8.70 16.14
C LYS B 193 9.44 10.10 15.53
N ASP B 194 8.30 10.59 15.05
CA ASP B 194 8.09 12.01 14.73
C ASP B 194 8.91 12.52 13.55
N TYR B 195 8.64 11.99 12.36
CA TYR B 195 9.29 12.49 11.17
C TYR B 195 8.26 12.96 10.15
N PHE B 196 8.71 13.76 9.20
CA PHE B 196 7.88 14.18 8.09
C PHE B 196 8.76 14.63 6.94
N PRO B 197 8.38 14.31 5.70
CA PRO B 197 7.28 13.42 5.31
C PRO B 197 7.79 11.98 5.19
N GLU B 198 6.93 11.08 4.69
CA GLU B 198 7.40 9.77 4.23
C GLU B 198 8.36 10.03 3.06
N PRO B 199 9.28 9.08 2.77
CA PRO B 199 9.47 7.77 3.39
C PRO B 199 10.67 7.69 4.33
N VAL B 200 10.72 6.63 5.13
CA VAL B 200 11.88 6.28 5.93
C VAL B 200 12.26 4.84 5.62
N THR B 201 13.56 4.54 5.63
CA THR B 201 14.02 3.16 5.49
C THR B 201 14.79 2.69 6.72
N VAL B 202 14.63 1.42 7.06
CA VAL B 202 15.32 0.83 8.21
C VAL B 202 16.02 -0.47 7.81
N SER B 203 17.29 -0.60 8.19
CA SER B 203 17.99 -1.88 8.10
C SER B 203 18.58 -2.25 9.47
N TRP B 204 19.02 -3.50 9.62
CA TRP B 204 19.72 -3.93 10.82
C TRP B 204 21.12 -4.43 10.50
N ASN B 205 22.10 -3.98 11.28
CA ASN B 205 23.50 -4.33 11.08
C ASN B 205 23.89 -4.19 9.61
N SER B 206 23.61 -3.02 9.05
CA SER B 206 23.95 -2.66 7.68
C SER B 206 23.48 -3.67 6.64
N GLY B 207 22.32 -4.28 6.88
CA GLY B 207 21.72 -5.21 5.92
C GLY B 207 22.09 -6.65 6.19
N ALA B 208 23.06 -6.87 7.09
CA ALA B 208 23.51 -8.22 7.45
C ALA B 208 22.46 -9.04 8.22
N LEU B 209 21.50 -8.36 8.85
CA LEU B 209 20.46 -9.05 9.60
C LEU B 209 19.07 -8.84 8.97
N THR B 210 18.50 -9.90 8.42
CA THR B 210 17.23 -9.77 7.69
C THR B 210 16.19 -10.76 8.18
N SER B 211 16.66 -11.91 8.64
CA SER B 211 15.80 -12.96 9.16
C SER B 211 15.13 -12.51 10.47
N GLY B 212 13.81 -12.63 10.53
CA GLY B 212 13.02 -12.25 11.71
C GLY B 212 12.81 -10.75 11.92
N VAL B 213 13.14 -9.92 10.93
CA VAL B 213 12.90 -8.49 11.00
C VAL B 213 11.47 -8.18 10.57
N HIS B 214 10.79 -7.36 11.36
CA HIS B 214 9.53 -6.77 10.91
C HIS B 214 9.65 -5.28 11.04
N THR B 215 9.61 -4.59 9.91
CA THR B 215 9.56 -3.15 9.90
C THR B 215 8.15 -2.76 9.52
N PHE B 216 7.45 -2.09 10.43
CA PHE B 216 6.03 -1.80 10.31
C PHE B 216 5.75 -0.56 9.47
N PRO B 217 4.61 -0.55 8.74
CA PRO B 217 4.24 0.69 8.04
C PRO B 217 4.09 1.85 9.04
N ALA B 218 4.42 3.05 8.60
CA ALA B 218 4.27 4.22 9.44
C ALA B 218 2.80 4.50 9.77
N VAL B 219 2.59 5.13 10.92
CA VAL B 219 1.27 5.65 11.27
C VAL B 219 1.38 7.18 11.31
N LEU B 220 0.32 7.84 10.86
CA LEU B 220 0.24 9.28 10.89
C LEU B 220 -0.41 9.75 12.19
N GLN B 221 0.34 10.48 12.99
CA GLN B 221 -0.14 10.96 14.28
C GLN B 221 -0.93 12.25 14.12
N SER B 222 -1.68 12.61 15.18
CA SER B 222 -2.48 13.84 15.27
C SER B 222 -1.70 15.12 14.98
N SER B 223 -0.44 15.14 15.40
CA SER B 223 0.46 16.26 15.14
C SER B 223 0.77 16.46 13.64
N GLY B 224 0.47 15.45 12.82
CA GLY B 224 0.82 15.51 11.40
C GLY B 224 2.17 14.89 11.11
N LEU B 225 2.81 14.34 12.14
CA LEU B 225 4.06 13.61 11.99
C LEU B 225 3.85 12.11 11.97
N TYR B 226 4.78 11.41 11.33
CA TYR B 226 4.75 9.96 11.24
C TYR B 226 5.61 9.29 12.32
N SER B 227 5.26 8.04 12.61
CA SER B 227 6.07 7.15 13.43
C SER B 227 6.00 5.73 12.91
N LEU B 228 7.07 4.98 13.12
CA LEU B 228 7.06 3.56 12.86
C LEU B 228 7.99 2.88 13.83
N SER B 229 7.86 1.55 13.93
CA SER B 229 8.84 0.75 14.63
C SER B 229 9.35 -0.36 13.74
N SER B 230 10.58 -0.78 14.00
CA SER B 230 11.15 -1.98 13.43
C SER B 230 11.58 -2.88 14.58
N VAL B 231 11.19 -4.15 14.52
CA VAL B 231 11.57 -5.13 15.53
C VAL B 231 12.24 -6.35 14.90
N VAL B 232 13.02 -7.06 15.69
CA VAL B 232 13.60 -8.30 15.23
C VAL B 232 13.66 -9.30 16.37
N THR B 233 13.38 -10.57 16.05
CA THR B 233 13.56 -11.63 17.03
C THR B 233 14.89 -12.31 16.77
N VAL B 234 15.65 -12.52 17.84
CA VAL B 234 16.98 -13.09 17.78
C VAL B 234 17.11 -14.14 18.88
N PRO B 235 18.08 -15.07 18.75
CA PRO B 235 18.30 -16.00 19.86
C PRO B 235 18.71 -15.27 21.14
N SER B 236 18.01 -15.54 22.24
CA SER B 236 18.39 -15.06 23.57
C SER B 236 19.89 -15.22 23.85
N SER B 237 20.43 -16.37 23.44
CA SER B 237 21.86 -16.70 23.55
C SER B 237 22.77 -15.56 23.16
N SER B 238 22.39 -14.89 22.08
CA SER B 238 23.26 -13.97 21.36
C SER B 238 23.31 -12.57 21.97
N LEU B 239 22.51 -12.32 22.99
CA LEU B 239 22.39 -10.97 23.54
C LEU B 239 23.69 -10.51 24.21
N GLY B 240 24.41 -11.46 24.81
CA GLY B 240 25.70 -11.17 25.42
C GLY B 240 26.83 -10.86 24.44
N THR B 241 26.74 -11.37 23.21
CA THR B 241 27.87 -11.34 22.27
C THR B 241 27.63 -10.56 20.97
N GLN B 242 26.43 -10.68 20.41
CA GLN B 242 26.11 -10.02 19.15
C GLN B 242 25.65 -8.58 19.37
N THR B 243 26.19 -7.68 18.55
CA THR B 243 25.78 -6.28 18.56
C THR B 243 24.60 -6.10 17.61
N TYR B 244 23.61 -5.32 18.05
CA TYR B 244 22.47 -4.96 17.20
C TYR B 244 22.33 -3.46 17.02
N ILE B 245 22.42 -3.04 15.77
CA ILE B 245 22.33 -1.64 15.43
C ILE B 245 21.27 -1.48 14.35
N CYS B 246 20.31 -0.58 14.58
CA CYS B 246 19.36 -0.28 13.54
C CYS B 246 19.85 0.95 12.80
N ASN B 247 19.76 0.90 11.48
CA ASN B 247 20.19 2.00 10.62
C ASN B 247 18.95 2.67 10.05
N VAL B 248 18.77 3.95 10.39
CA VAL B 248 17.59 4.67 9.94
C VAL B 248 17.96 5.79 8.97
N ASN B 249 17.31 5.79 7.82
CA ASN B 249 17.57 6.80 6.79
C ASN B 249 16.29 7.57 6.43
N HIS B 250 16.34 8.89 6.63
CA HIS B 250 15.26 9.79 6.24
C HIS B 250 15.81 10.83 5.27
N LYS B 251 15.88 10.45 4.00
CA LYS B 251 16.43 11.32 2.95
C LYS B 251 15.85 12.74 2.91
N PRO B 252 14.51 12.90 3.02
CA PRO B 252 13.96 14.28 2.99
C PRO B 252 14.66 15.29 3.91
N SER B 253 15.11 14.84 5.08
CA SER B 253 15.80 15.73 6.02
C SER B 253 17.30 15.47 6.07
N ASN B 254 17.81 14.65 5.15
CA ASN B 254 19.21 14.18 5.18
C ASN B 254 19.62 13.63 6.53
N THR B 255 18.72 12.91 7.19
CA THR B 255 18.98 12.35 8.51
C THR B 255 19.35 10.89 8.35
N LYS B 256 20.53 10.55 8.85
CA LYS B 256 21.02 9.18 8.86
C LYS B 256 21.42 8.80 10.31
N VAL B 257 20.68 7.87 10.91
CA VAL B 257 20.93 7.48 12.31
C VAL B 257 21.27 6.00 12.45
N ASP B 258 22.36 5.72 13.18
CA ASP B 258 22.69 4.36 13.59
C ASP B 258 22.55 4.27 15.11
N LYS B 259 21.65 3.41 15.58
CA LYS B 259 21.38 3.30 17.01
C LYS B 259 21.64 1.89 17.52
N LYS B 260 22.53 1.78 18.50
CA LYS B 260 22.84 0.49 19.11
C LYS B 260 21.77 0.16 20.15
N VAL B 261 21.26 -1.08 20.11
CA VAL B 261 20.20 -1.50 21.01
C VAL B 261 20.74 -2.52 22.02
N GLU B 262 20.81 -2.09 23.28
CA GLU B 262 21.40 -2.88 24.36
C GLU B 262 20.30 -3.50 25.22
N PRO B 263 20.58 -4.66 25.83
CA PRO B 263 19.72 -5.28 26.87
C PRO B 263 19.23 -4.34 27.99
S SO4 C . 6.61 -10.32 -11.78
O1 SO4 C . 7.45 -9.19 -11.42
O2 SO4 C . 6.48 -11.22 -10.64
O3 SO4 C . 5.29 -9.86 -12.19
O4 SO4 C . 7.23 -11.04 -12.89
S SO4 D . -4.72 -17.98 -22.69
O1 SO4 D . -4.64 -16.55 -22.97
O2 SO4 D . -4.86 -18.21 -21.26
O3 SO4 D . -5.89 -18.52 -23.39
O4 SO4 D . -3.51 -18.64 -23.18
S SO4 E . -4.16 14.69 39.60
O1 SO4 E . -2.85 14.08 39.46
O2 SO4 E . -4.03 15.92 40.38
O3 SO4 E . -4.71 15.04 38.29
O4 SO4 E . -5.05 13.77 40.29
S SO4 F . 7.84 -2.94 -8.88
O1 SO4 F . 8.20 -2.46 -7.55
O2 SO4 F . 6.41 -2.83 -9.07
O3 SO4 F . 8.55 -2.16 -9.88
O4 SO4 F . 8.25 -4.35 -8.99
C1 GOL G . -15.88 -10.52 2.59
O1 GOL G . -14.85 -11.38 2.16
C2 GOL G . -17.18 -10.85 1.87
O2 GOL G . -17.17 -12.23 1.53
C3 GOL G . -17.28 -9.99 0.61
O3 GOL G . -18.33 -10.42 -0.25
S SO4 H . 2.03 17.65 -29.89
O1 SO4 H . 2.64 18.90 -30.32
O2 SO4 H . 1.88 17.65 -28.43
O3 SO4 H . 0.71 17.52 -30.50
O4 SO4 H . 2.87 16.52 -30.30
S SO4 I . -4.60 3.06 -31.98
O1 SO4 I . -4.02 3.56 -30.72
O2 SO4 I . -5.85 2.36 -31.67
O3 SO4 I . -4.87 4.19 -32.86
O4 SO4 I . -3.67 2.15 -32.63
#